data_6JFC
#
_entry.id   6JFC
#
_cell.length_a   44.020
_cell.length_b   122.634
_cell.length_c   148.142
_cell.angle_alpha   90.000
_cell.angle_beta   90.000
_cell.angle_gamma   90.000
#
_symmetry.space_group_name_H-M   'C 2 2 21'
#
loop_
_entity.id
_entity.type
_entity.pdbx_description
1 polymer 'Peptide deformylase'
2 non-polymer ACTINONIN
3 non-polymer 'NICKEL (II) ION'
4 water water
#
_entity_poly.entity_id   1
_entity_poly.type   'polypeptide(L)'
_entity_poly.pdbx_seq_one_letter_code
;IREILKMGDERLLRIAQPVPSELLGSEELQRLIDDMFETMHHVGGVGLAAPQIGVDLQLVIFGFERSERYPDAPAVPPTI
LLNPRITPLDDEMEEGWEGCLSVPGLRGAVSRHRRIRYQGLDPQGQPIDRSVEGFHARVVQHECDHLIGRLYPSRITDFS
KFGFTEVLF
;
_entity_poly.pdbx_strand_id   A,B
#
# COMPACT_ATOMS: atom_id res chain seq x y z
N ILE A 1 -9.85 -21.77 5.60
CA ILE A 1 -10.39 -20.98 6.77
C ILE A 1 -9.84 -21.51 8.08
N ARG A 2 -9.46 -20.60 8.96
CA ARG A 2 -9.06 -20.94 10.31
C ARG A 2 -10.06 -20.44 11.34
N GLU A 3 -9.97 -21.02 12.53
CA GLU A 3 -10.83 -20.60 13.65
C GLU A 3 -10.19 -19.45 14.38
N ILE A 4 -10.95 -18.38 14.57
CA ILE A 4 -10.53 -17.21 15.38
C ILE A 4 -10.60 -17.48 16.91
N LEU A 5 -9.45 -17.43 17.58
CA LEU A 5 -9.39 -17.52 19.01
C LEU A 5 -10.10 -16.35 19.70
N LYS A 6 -10.73 -16.67 20.81
CA LYS A 6 -11.53 -15.77 21.60
C LYS A 6 -10.78 -15.35 22.88
N MET A 7 -11.14 -14.18 23.39
CA MET A 7 -10.51 -13.59 24.56
C MET A 7 -10.70 -14.48 25.71
N GLY A 8 -9.58 -14.76 26.38
CA GLY A 8 -9.51 -15.73 27.43
C GLY A 8 -8.54 -16.86 27.07
N ASP A 9 -8.29 -17.05 25.77
CA ASP A 9 -7.37 -18.09 25.30
C ASP A 9 -5.95 -17.58 25.54
N GLU A 10 -5.13 -18.44 26.12
CA GLU A 10 -3.81 -18.07 26.56
C GLU A 10 -2.92 -17.72 25.36
N ARG A 11 -3.22 -18.26 24.17
CA ARG A 11 -2.41 -17.94 23.00
C ARG A 11 -2.56 -16.51 22.53
N LEU A 12 -3.62 -15.79 22.91
CA LEU A 12 -3.73 -14.37 22.54
C LEU A 12 -2.92 -13.51 23.46
N LEU A 13 -2.31 -14.13 24.48
CA LEU A 13 -1.62 -13.43 25.57
C LEU A 13 -0.10 -13.51 25.45
N ARG A 14 0.40 -14.32 24.52
CA ARG A 14 1.83 -14.56 24.39
C ARG A 14 2.51 -13.39 23.57
N ILE A 15 3.79 -13.09 23.79
CA ILE A 15 4.56 -12.29 22.83
C ILE A 15 4.88 -13.18 21.62
N ALA A 16 4.64 -12.69 20.42
CA ALA A 16 4.89 -13.52 19.23
C ALA A 16 6.34 -13.54 18.77
N GLN A 17 6.72 -14.66 18.15
CA GLN A 17 8.08 -14.86 17.65
C GLN A 17 8.16 -14.25 16.27
N PRO A 18 9.35 -13.70 15.92
CA PRO A 18 9.55 -13.15 14.58
C PRO A 18 9.43 -14.24 13.51
N VAL A 19 9.02 -13.85 12.31
CA VAL A 19 9.08 -14.72 11.13
C VAL A 19 10.58 -14.97 10.84
N PRO A 20 11.03 -16.25 10.80
CA PRO A 20 12.44 -16.50 10.52
C PRO A 20 12.81 -16.25 9.06
N SER A 21 14.08 -15.90 8.81
CA SER A 21 14.42 -15.42 7.47
C SER A 21 14.26 -16.57 6.48
N GLU A 22 14.48 -17.78 6.95
CA GLU A 22 14.14 -19.04 6.28
C GLU A 22 12.77 -19.09 5.60
N LEU A 23 11.77 -18.47 6.19
CA LEU A 23 10.39 -18.49 5.66
C LEU A 23 10.05 -17.40 4.67
N LEU A 24 10.89 -16.36 4.58
CA LEU A 24 10.61 -15.23 3.71
C LEU A 24 10.64 -15.76 2.31
N GLY A 25 9.69 -15.37 1.48
CA GLY A 25 9.63 -15.85 0.10
C GLY A 25 9.04 -17.23 -0.07
N SER A 26 8.92 -18.00 1.00
CA SER A 26 8.49 -19.39 0.93
C SER A 26 7.00 -19.61 0.60
N GLU A 27 6.75 -20.70 -0.10
CA GLU A 27 5.40 -21.23 -0.29
C GLU A 27 4.56 -21.35 0.99
N GLU A 28 5.20 -21.86 2.01
CA GLU A 28 4.58 -22.13 3.32
C GLU A 28 4.04 -20.82 3.93
N LEU A 29 4.85 -19.77 3.93
CA LEU A 29 4.38 -18.47 4.38
C LEU A 29 3.21 -18.01 3.54
N GLN A 30 3.36 -18.14 2.22
CA GLN A 30 2.30 -17.69 1.31
C GLN A 30 0.95 -18.39 1.58
N ARG A 31 1.01 -19.64 2.02
CA ARG A 31 -0.22 -20.39 2.21
C ARG A 31 -0.89 -19.94 3.50
N LEU A 32 -0.07 -19.63 4.49
CA LEU A 32 -0.56 -19.00 5.77
C LEU A 32 -1.22 -17.68 5.47
N ILE A 33 -0.57 -16.87 4.63
CA ILE A 33 -1.13 -15.58 4.24
C ILE A 33 -2.48 -15.75 3.57
N ASP A 34 -2.58 -16.71 2.65
CA ASP A 34 -3.86 -16.91 1.92
C ASP A 34 -4.95 -17.30 2.88
N ASP A 35 -4.58 -18.15 3.84
CA ASP A 35 -5.52 -18.63 4.85
C ASP A 35 -6.02 -17.49 5.72
N MET A 36 -5.10 -16.61 6.12
CA MET A 36 -5.49 -15.35 6.85
C MET A 36 -6.46 -14.45 6.07
N PHE A 37 -6.18 -14.09 4.81
CA PHE A 37 -7.08 -13.28 4.04
C PHE A 37 -8.44 -13.97 3.88
N GLU A 38 -8.44 -15.30 3.71
CA GLU A 38 -9.70 -16.03 3.55
C GLU A 38 -10.50 -15.95 4.85
N THR A 39 -9.85 -16.19 5.99
CA THR A 39 -10.52 -16.03 7.29
C THR A 39 -11.05 -14.59 7.49
N MET A 40 -10.20 -13.60 7.28
CA MET A 40 -10.61 -12.22 7.57
C MET A 40 -11.79 -11.82 6.68
N HIS A 41 -11.72 -12.14 5.39
CA HIS A 41 -12.81 -11.84 4.45
C HIS A 41 -14.13 -12.52 4.86
N HIS A 42 -14.07 -13.80 5.27
CA HIS A 42 -15.27 -14.58 5.74
C HIS A 42 -16.02 -13.97 6.94
N VAL A 43 -15.28 -13.49 7.92
CA VAL A 43 -15.92 -12.88 9.10
C VAL A 43 -16.03 -11.35 8.98
N GLY A 44 -15.75 -10.76 7.82
CA GLY A 44 -15.83 -9.28 7.67
C GLY A 44 -14.75 -8.38 8.36
N GLY A 45 -13.62 -8.92 8.81
CA GLY A 45 -12.62 -8.09 9.47
C GLY A 45 -11.87 -7.10 8.58
N VAL A 46 -11.30 -6.06 9.18
CA VAL A 46 -10.42 -5.17 8.44
C VAL A 46 -8.94 -5.50 8.71
N GLY A 47 -8.71 -6.39 9.67
CA GLY A 47 -7.34 -6.82 10.01
C GLY A 47 -7.31 -8.14 10.72
N LEU A 48 -6.15 -8.78 10.76
CA LEU A 48 -6.04 -10.03 11.41
C LEU A 48 -4.61 -10.25 11.69
N ALA A 49 -4.35 -10.78 12.85
CA ALA A 49 -3.00 -11.06 13.26
C ALA A 49 -2.82 -12.58 13.42
N ALA A 50 -1.65 -13.09 13.06
CA ALA A 50 -1.39 -14.56 13.12
C ALA A 50 -1.76 -15.25 14.44
N PRO A 51 -1.40 -14.66 15.60
CA PRO A 51 -1.84 -15.32 16.87
C PRO A 51 -3.32 -15.53 17.04
N GLN A 52 -4.16 -14.75 16.39
CA GLN A 52 -5.61 -14.92 16.48
C GLN A 52 -6.15 -16.24 15.84
N ILE A 53 -5.34 -16.84 14.98
CA ILE A 53 -5.62 -18.16 14.40
C ILE A 53 -4.61 -19.18 14.94
N GLY A 54 -3.92 -18.83 16.01
CA GLY A 54 -3.05 -19.73 16.71
C GLY A 54 -1.70 -19.97 16.15
N VAL A 55 -1.25 -19.09 15.25
CA VAL A 55 0.09 -19.20 14.70
C VAL A 55 0.97 -18.13 15.40
N ASP A 56 2.03 -18.59 16.04
CA ASP A 56 2.85 -17.77 16.92
C ASP A 56 3.94 -16.98 16.17
N LEU A 57 3.52 -16.00 15.37
CA LEU A 57 4.42 -15.34 14.44
C LEU A 57 4.03 -13.89 14.34
N GLN A 58 5.04 -13.04 14.22
CA GLN A 58 4.84 -11.64 14.03
C GLN A 58 4.40 -11.37 12.63
N LEU A 59 3.10 -11.60 12.36
CA LEU A 59 2.61 -11.39 11.07
C LEU A 59 1.20 -10.85 11.14
N VAL A 60 0.92 -9.81 10.37
CA VAL A 60 -0.41 -9.21 10.35
C VAL A 60 -0.82 -8.90 8.99
N ILE A 61 -2.15 -8.91 8.79
CA ILE A 61 -2.70 -8.44 7.54
C ILE A 61 -3.75 -7.42 7.82
N PHE A 62 -3.98 -6.54 6.88
CA PHE A 62 -5.06 -5.58 7.04
C PHE A 62 -5.32 -4.97 5.73
N GLY A 63 -6.47 -4.30 5.68
CA GLY A 63 -6.84 -3.49 4.53
C GLY A 63 -8.36 -3.49 4.40
N PHE A 64 -8.91 -2.48 3.74
CA PHE A 64 -10.25 -2.58 3.12
C PHE A 64 -10.57 -1.52 2.05
N GLU A 65 -11.64 -1.80 1.31
CA GLU A 65 -12.00 -1.04 0.10
C GLU A 65 -12.48 0.41 0.34
N PRO A 74 -12.82 5.46 4.88
CA PRO A 74 -11.34 5.60 5.05
C PRO A 74 -10.54 4.40 4.46
N ALA A 75 -10.02 4.54 3.24
CA ALA A 75 -9.48 3.38 2.52
C ALA A 75 -8.09 2.98 3.05
N VAL A 76 -7.86 1.68 3.24
CA VAL A 76 -6.53 1.21 3.71
C VAL A 76 -6.09 0.14 2.79
N PRO A 77 -4.87 0.23 2.24
CA PRO A 77 -4.40 -0.72 1.25
C PRO A 77 -4.14 -2.10 1.81
N PRO A 78 -4.44 -3.15 1.03
CA PRO A 78 -4.21 -4.51 1.53
C PRO A 78 -2.73 -4.68 1.77
N THR A 79 -2.38 -5.22 2.90
CA THR A 79 -1.00 -5.13 3.37
C THR A 79 -0.70 -6.29 4.21
N ILE A 80 0.50 -6.83 4.06
CA ILE A 80 0.94 -7.95 4.83
C ILE A 80 2.23 -7.47 5.49
N LEU A 81 2.28 -7.50 6.82
CA LEU A 81 3.37 -6.86 7.51
C LEU A 81 3.96 -7.89 8.44
N LEU A 82 5.25 -8.15 8.29
CA LEU A 82 6.00 -9.03 9.14
C LEU A 82 7.00 -8.28 9.95
N ASN A 83 7.27 -8.80 11.14
CA ASN A 83 8.28 -8.28 12.08
C ASN A 83 8.24 -6.75 12.33
N PRO A 84 7.08 -6.24 12.79
CA PRO A 84 6.92 -4.84 12.65
C PRO A 84 7.60 -4.10 13.76
N ARG A 85 7.91 -2.86 13.49
CA ARG A 85 8.23 -1.88 14.55
C ARG A 85 7.43 -0.58 14.33
N ILE A 86 6.80 -0.08 15.36
CA ILE A 86 5.98 1.14 15.24
C ILE A 86 6.67 2.22 15.97
N THR A 87 6.71 3.43 15.40
CA THR A 87 7.27 4.61 16.10
C THR A 87 6.27 5.72 16.06
N PRO A 88 5.86 6.22 17.23
CA PRO A 88 4.95 7.35 17.24
C PRO A 88 5.63 8.57 16.65
N LEU A 89 4.95 9.34 15.80
CA LEU A 89 5.58 10.51 15.17
C LEU A 89 5.40 11.82 15.95
N ASP A 90 4.44 11.87 16.87
CA ASP A 90 4.27 13.01 17.80
C ASP A 90 3.36 12.55 18.97
N ASP A 91 2.99 13.48 19.87
CA ASP A 91 2.26 13.13 21.12
C ASP A 91 0.75 13.15 20.98
N GLU A 92 0.26 13.48 19.81
CA GLU A 92 -1.12 13.63 19.63
C GLU A 92 -1.80 12.25 19.66
N MET A 93 -2.81 12.15 20.55
CA MET A 93 -3.62 10.98 20.77
C MET A 93 -5.01 11.22 20.25
N GLU A 94 -5.69 10.20 19.72
CA GLU A 94 -7.12 10.32 19.31
C GLU A 94 -7.95 9.17 19.81
N GLU A 95 -9.21 9.42 20.19
CA GLU A 95 -10.13 8.34 20.57
C GLU A 95 -10.91 7.89 19.38
N GLY A 96 -11.04 6.59 19.23
CA GLY A 96 -11.97 6.04 18.25
C GLY A 96 -12.52 4.74 18.74
N TRP A 97 -13.64 4.36 18.16
CA TRP A 97 -14.29 3.04 18.42
C TRP A 97 -13.55 1.84 17.81
N GLU A 98 -13.30 0.78 18.58
CA GLU A 98 -12.74 -0.44 18.09
C GLU A 98 -13.61 -1.59 18.48
N GLY A 99 -13.59 -2.64 17.67
CA GLY A 99 -14.01 -3.96 18.07
C GLY A 99 -12.99 -4.91 17.52
N CYS A 100 -13.12 -6.18 17.84
CA CYS A 100 -12.12 -7.19 17.54
C CYS A 100 -12.86 -8.51 17.31
N LEU A 101 -12.36 -9.23 16.31
CA LEU A 101 -12.84 -10.55 15.99
C LEU A 101 -12.74 -11.48 17.17
N SER A 102 -11.72 -11.29 18.01
CA SER A 102 -11.52 -12.11 19.21
C SER A 102 -12.39 -11.73 20.42
N VAL A 103 -13.16 -10.66 20.30
CA VAL A 103 -13.92 -10.11 21.40
C VAL A 103 -15.33 -9.88 20.85
N PRO A 104 -15.95 -10.94 20.31
CA PRO A 104 -17.26 -10.70 19.65
C PRO A 104 -18.31 -10.07 20.57
N GLY A 105 -19.16 -9.21 19.98
CA GLY A 105 -20.29 -8.57 20.62
C GLY A 105 -20.00 -7.30 21.39
N LEU A 106 -18.72 -6.90 21.49
CA LEU A 106 -18.35 -5.66 22.18
C LEU A 106 -17.79 -4.60 21.26
N ARG A 107 -17.92 -3.36 21.71
CA ARG A 107 -17.13 -2.26 21.20
C ARG A 107 -16.52 -1.46 22.37
N GLY A 108 -15.41 -0.76 22.12
CA GLY A 108 -14.87 0.17 23.12
C GLY A 108 -14.13 1.32 22.45
N ALA A 109 -14.13 2.47 23.11
CA ALA A 109 -13.37 3.65 22.64
C ALA A 109 -11.97 3.53 23.19
N VAL A 110 -11.01 3.71 22.30
CA VAL A 110 -9.62 3.58 22.68
C VAL A 110 -8.85 4.77 22.17
N SER A 111 -7.96 5.28 23.01
CA SER A 111 -7.09 6.38 22.65
C SER A 111 -5.77 5.84 22.06
N ARG A 112 -5.46 6.18 20.81
CA ARG A 112 -4.21 5.73 20.17
C ARG A 112 -3.48 6.93 19.56
N HIS A 113 -2.21 6.74 19.24
CA HIS A 113 -1.45 7.79 18.54
C HIS A 113 -2.08 8.14 17.20
N ARG A 114 -2.11 9.42 16.89
CA ARG A 114 -2.69 9.86 15.64
C ARG A 114 -1.79 9.59 14.42
N ARG A 115 -0.50 9.66 14.61
CA ARG A 115 0.45 9.54 13.55
C ARG A 115 1.54 8.61 13.98
N ILE A 116 1.82 7.61 13.13
CA ILE A 116 2.94 6.68 13.34
C ILE A 116 3.69 6.47 12.05
N ARG A 117 4.92 6.07 12.24
CA ARG A 117 5.67 5.39 11.28
C ARG A 117 5.60 3.90 11.61
N TYR A 118 5.45 3.08 10.59
CA TYR A 118 5.63 1.64 10.75
C TYR A 118 6.57 1.09 9.76
N GLN A 119 7.41 0.20 10.26
CA GLN A 119 8.28 -0.53 9.39
C GLN A 119 8.29 -2.05 9.66
N GLY A 120 8.62 -2.84 8.66
CA GLY A 120 8.82 -4.25 8.85
C GLY A 120 9.18 -4.82 7.50
N LEU A 121 8.78 -6.06 7.23
CA LEU A 121 9.10 -6.77 6.00
C LEU A 121 7.83 -7.17 5.32
N ASP A 122 7.84 -7.16 3.99
CA ASP A 122 6.79 -7.82 3.23
C ASP A 122 7.11 -9.32 3.17
N PRO A 123 6.19 -10.12 2.58
CA PRO A 123 6.36 -11.54 2.58
C PRO A 123 7.54 -12.06 1.80
N GLN A 124 8.01 -11.29 0.81
CA GLN A 124 9.24 -11.66 0.14
C GLN A 124 10.51 -11.16 0.87
N GLY A 125 10.42 -10.54 2.04
CA GLY A 125 11.62 -9.94 2.73
C GLY A 125 12.05 -8.49 2.33
N GLN A 126 11.26 -7.83 1.49
CA GLN A 126 11.47 -6.42 1.13
C GLN A 126 11.05 -5.49 2.27
N PRO A 127 11.90 -4.51 2.62
CA PRO A 127 11.45 -3.58 3.71
C PRO A 127 10.18 -2.76 3.39
N ILE A 128 9.39 -2.50 4.42
CA ILE A 128 8.25 -1.63 4.39
C ILE A 128 8.57 -0.50 5.35
N ASP A 129 8.23 0.71 4.95
CA ASP A 129 8.47 1.92 5.74
C ASP A 129 7.41 2.97 5.36
N ARG A 130 6.42 3.18 6.21
CA ARG A 130 5.33 4.12 5.86
C ARG A 130 5.00 4.99 7.05
N SER A 131 4.61 6.23 6.79
CA SER A 131 4.03 7.11 7.85
C SER A 131 2.60 7.41 7.55
N VAL A 132 1.70 7.17 8.51
CA VAL A 132 0.29 7.16 8.27
C VAL A 132 -0.31 7.90 9.41
N GLU A 133 -1.60 8.16 9.22
CA GLU A 133 -2.45 8.88 10.17
C GLU A 133 -3.87 8.31 10.31
N GLY A 134 -4.50 8.65 11.45
CA GLY A 134 -5.95 8.42 11.69
C GLY A 134 -6.30 6.96 11.63
N PHE A 135 -7.24 6.59 10.80
CA PHE A 135 -7.72 5.22 10.74
C PHE A 135 -6.65 4.15 10.36
N HIS A 136 -5.82 4.43 9.38
CA HIS A 136 -4.73 3.56 8.98
C HIS A 136 -3.74 3.33 10.17
N ALA A 137 -3.42 4.36 10.90
CA ALA A 137 -2.50 4.27 12.05
C ALA A 137 -3.18 3.49 13.16
N ARG A 138 -4.49 3.68 13.32
CA ARG A 138 -5.27 2.96 14.35
C ARG A 138 -5.30 1.45 14.10
N VAL A 139 -5.52 1.06 12.86
CA VAL A 139 -5.54 -0.35 12.44
C VAL A 139 -4.17 -1.01 12.72
N VAL A 140 -3.10 -0.35 12.32
CA VAL A 140 -1.77 -0.93 12.54
C VAL A 140 -1.48 -1.15 13.98
N GLN A 141 -1.80 -0.14 14.81
CA GLN A 141 -1.58 -0.20 16.23
C GLN A 141 -2.42 -1.31 16.93
N HIS A 142 -3.67 -1.44 16.53
CA HIS A 142 -4.49 -2.55 17.01
C HIS A 142 -3.87 -3.90 16.68
N GLU A 143 -3.49 -4.11 15.41
CA GLU A 143 -2.93 -5.37 14.96
C GLU A 143 -1.62 -5.69 15.59
N CYS A 144 -0.73 -4.69 15.70
CA CYS A 144 0.55 -4.91 16.34
C CYS A 144 0.45 -5.23 17.80
N ASP A 145 -0.59 -4.70 18.46
CA ASP A 145 -0.88 -5.06 19.85
C ASP A 145 -1.09 -6.55 20.06
N HIS A 146 -1.78 -7.22 19.12
CA HIS A 146 -1.89 -8.69 19.14
C HIS A 146 -0.54 -9.45 19.23
N LEU A 147 0.49 -8.91 18.63
CA LEU A 147 1.79 -9.51 18.65
C LEU A 147 2.53 -9.39 19.95
N ILE A 148 2.07 -8.51 20.84
CA ILE A 148 2.61 -8.35 22.17
C ILE A 148 1.56 -8.72 23.23
N GLY A 149 0.55 -9.46 22.82
CA GLY A 149 -0.39 -10.09 23.74
C GLY A 149 -1.33 -9.08 24.35
N ARG A 150 -1.65 -8.00 23.64
CA ARG A 150 -2.55 -6.94 24.16
C ARG A 150 -3.81 -6.92 23.33
N LEU A 151 -4.92 -7.08 23.98
CA LEU A 151 -6.21 -6.80 23.37
C LEU A 151 -6.75 -5.42 23.75
N TYR A 152 -7.66 -4.85 22.94
CA TYR A 152 -8.12 -3.48 23.19
C TYR A 152 -8.74 -3.20 24.58
N PRO A 153 -9.44 -4.19 25.21
CA PRO A 153 -9.91 -3.80 26.54
C PRO A 153 -8.78 -3.35 27.54
N SER A 154 -7.59 -3.93 27.40
CA SER A 154 -6.41 -3.63 28.26
C SER A 154 -5.85 -2.27 27.92
N ARG A 155 -6.35 -1.65 26.85
CA ARG A 155 -5.94 -0.29 26.48
C ARG A 155 -7.00 0.76 26.78
N ILE A 156 -8.20 0.37 27.17
CA ILE A 156 -9.29 1.36 27.42
C ILE A 156 -8.92 2.22 28.62
N THR A 157 -9.19 3.51 28.52
CA THR A 157 -9.20 4.36 29.72
C THR A 157 -10.54 5.02 30.05
N ASP A 158 -11.48 5.10 29.13
CA ASP A 158 -12.84 5.51 29.46
C ASP A 158 -13.78 4.32 29.37
N PHE A 159 -14.04 3.69 30.53
CA PHE A 159 -14.99 2.59 30.59
C PHE A 159 -16.44 2.94 30.38
N SER A 160 -16.80 4.21 30.46
CA SER A 160 -18.15 4.63 30.03
C SER A 160 -18.38 4.36 28.57
N LYS A 161 -17.33 4.18 27.77
CA LYS A 161 -17.51 3.90 26.37
C LYS A 161 -17.30 2.40 25.96
N PHE A 162 -17.27 1.47 26.92
CA PHE A 162 -17.10 0.07 26.63
C PHE A 162 -18.42 -0.65 26.91
N GLY A 163 -18.86 -1.51 25.99
CA GLY A 163 -20.21 -2.05 26.05
C GLY A 163 -20.54 -2.97 24.89
N PHE A 164 -21.71 -3.59 24.97
CA PHE A 164 -22.10 -4.56 23.97
C PHE A 164 -22.62 -3.81 22.75
N THR A 165 -22.23 -4.29 21.59
CA THR A 165 -22.59 -3.65 20.27
C THR A 165 -24.11 -3.49 20.16
N GLU A 166 -24.80 -4.57 20.51
CA GLU A 166 -26.25 -4.63 20.43
C GLU A 166 -26.92 -3.70 21.42
N VAL A 167 -26.21 -3.25 22.48
CA VAL A 167 -26.73 -2.19 23.37
C VAL A 167 -26.30 -0.85 22.87
N LEU A 168 -25.01 -0.67 22.53
CA LEU A 168 -24.52 0.66 22.11
C LEU A 168 -25.08 0.96 20.70
N ILE B 1 -13.00 1.34 -20.64
CA ILE B 1 -11.64 1.35 -21.30
C ILE B 1 -11.47 2.67 -22.05
N ARG B 2 -10.39 3.38 -21.77
CA ARG B 2 -10.04 4.59 -22.50
C ARG B 2 -8.95 4.26 -23.54
N GLU B 3 -8.76 5.20 -24.48
CA GLU B 3 -7.72 5.07 -25.51
C GLU B 3 -6.37 5.54 -24.88
N ILE B 4 -5.31 4.74 -25.01
CA ILE B 4 -3.97 5.19 -24.54
C ILE B 4 -3.28 5.94 -25.65
N LEU B 5 -2.87 7.17 -25.37
CA LEU B 5 -2.15 7.99 -26.32
C LEU B 5 -0.73 7.43 -26.49
N LYS B 6 -0.24 7.47 -27.70
CA LYS B 6 1.02 6.92 -28.11
C LYS B 6 2.04 7.99 -28.32
N MET B 7 3.32 7.64 -28.07
CA MET B 7 4.43 8.61 -28.20
C MET B 7 4.38 9.35 -29.52
N GLY B 8 4.54 10.65 -29.46
CA GLY B 8 4.26 11.49 -30.59
C GLY B 8 3.09 12.47 -30.37
N ASP B 9 2.13 12.06 -29.56
CA ASP B 9 1.00 12.96 -29.21
C ASP B 9 1.50 13.98 -28.20
N GLU B 10 1.29 15.25 -28.49
CA GLU B 10 1.78 16.37 -27.65
C GLU B 10 1.18 16.43 -26.25
N ARG B 11 0.02 15.83 -26.08
CA ARG B 11 -0.58 15.75 -24.76
C ARG B 11 0.28 14.96 -23.75
N LEU B 12 1.11 14.03 -24.21
CA LEU B 12 2.03 13.31 -23.32
C LEU B 12 3.19 14.16 -22.83
N LEU B 13 3.34 15.32 -23.44
CA LEU B 13 4.49 16.22 -23.22
C LEU B 13 4.17 17.34 -22.22
N ARG B 14 2.92 17.44 -21.80
CA ARG B 14 2.47 18.51 -20.92
C ARG B 14 2.87 18.25 -19.45
N ILE B 15 2.95 19.33 -18.69
CA ILE B 15 3.15 19.27 -17.24
C ILE B 15 1.75 19.20 -16.69
N ALA B 16 1.37 18.07 -16.10
CA ALA B 16 0.04 17.90 -15.62
C ALA B 16 -0.30 18.91 -14.51
N GLN B 17 -1.56 19.37 -14.52
CA GLN B 17 -2.09 20.30 -13.52
C GLN B 17 -2.42 19.46 -12.28
N PRO B 18 -2.30 20.04 -11.06
CA PRO B 18 -2.67 19.42 -9.77
C PRO B 18 -4.10 19.08 -9.73
N VAL B 19 -4.44 17.99 -9.04
CA VAL B 19 -5.84 17.59 -8.87
C VAL B 19 -6.39 18.55 -7.83
N PRO B 20 -7.47 19.29 -8.16
CA PRO B 20 -8.09 20.26 -7.20
C PRO B 20 -8.54 19.60 -5.89
N SER B 21 -8.25 20.23 -4.74
CA SER B 21 -8.76 19.68 -3.42
C SER B 21 -10.25 19.43 -3.46
N GLU B 22 -10.87 20.35 -4.19
CA GLU B 22 -12.29 20.33 -4.42
C GLU B 22 -12.82 18.99 -4.97
N LEU B 23 -12.05 18.24 -5.79
CA LEU B 23 -12.51 16.94 -6.32
C LEU B 23 -12.25 15.71 -5.47
N LEU B 24 -11.54 15.87 -4.36
CA LEU B 24 -11.18 14.71 -3.47
C LEU B 24 -12.47 14.08 -3.01
N GLY B 25 -12.62 12.77 -3.13
CA GLY B 25 -13.88 12.12 -2.74
C GLY B 25 -15.08 12.31 -3.67
N SER B 26 -14.88 13.00 -4.81
CA SER B 26 -15.97 13.25 -5.75
C SER B 26 -16.23 12.03 -6.60
N GLU B 27 -17.46 11.97 -7.10
CA GLU B 27 -17.89 10.88 -7.98
C GLU B 27 -17.17 10.90 -9.36
N GLU B 28 -16.87 12.08 -9.86
CA GLU B 28 -16.25 12.22 -11.17
C GLU B 28 -14.78 11.71 -11.03
N LEU B 29 -14.13 12.02 -9.91
CA LEU B 29 -12.77 11.54 -9.67
C LEU B 29 -12.77 10.02 -9.63
N GLN B 30 -13.71 9.45 -8.88
CA GLN B 30 -13.83 8.01 -8.80
C GLN B 30 -14.07 7.35 -10.16
N ARG B 31 -14.85 8.01 -11.00
CA ARG B 31 -15.17 7.46 -12.31
C ARG B 31 -13.91 7.38 -13.18
N LEU B 32 -13.10 8.44 -13.13
CA LEU B 32 -11.81 8.50 -13.82
C LEU B 32 -10.91 7.37 -13.37
N ILE B 33 -10.82 7.18 -12.07
CA ILE B 33 -9.94 6.13 -11.45
C ILE B 33 -10.35 4.79 -11.98
N ASP B 34 -11.67 4.57 -12.03
CA ASP B 34 -12.22 3.27 -12.44
C ASP B 34 -11.91 3.01 -13.93
N ASP B 35 -12.03 4.04 -14.76
CA ASP B 35 -11.64 3.95 -16.18
C ASP B 35 -10.13 3.54 -16.28
N MET B 36 -9.32 4.13 -15.41
CA MET B 36 -7.87 3.95 -15.41
C MET B 36 -7.49 2.55 -15.03
N PHE B 37 -8.00 2.10 -13.89
CA PHE B 37 -7.82 0.66 -13.55
C PHE B 37 -8.30 -0.28 -14.65
N GLU B 38 -9.48 0.00 -15.18
CA GLU B 38 -10.05 -0.75 -16.31
C GLU B 38 -9.03 -0.85 -17.44
N THR B 39 -8.59 0.33 -17.88
CA THR B 39 -7.76 0.43 -19.03
C THR B 39 -6.40 -0.25 -18.77
N MET B 40 -5.83 0.00 -17.59
CA MET B 40 -4.55 -0.62 -17.20
C MET B 40 -4.70 -2.11 -17.13
N HIS B 41 -5.73 -2.59 -16.44
CA HIS B 41 -5.99 -4.03 -16.42
C HIS B 41 -6.19 -4.69 -17.82
N HIS B 42 -6.93 -4.06 -18.73
CA HIS B 42 -7.16 -4.68 -20.07
C HIS B 42 -5.88 -4.77 -20.96
N VAL B 43 -4.85 -3.96 -20.71
CA VAL B 43 -3.59 -4.11 -21.47
C VAL B 43 -2.44 -4.70 -20.68
N GLY B 44 -2.70 -5.10 -19.44
CA GLY B 44 -1.71 -5.76 -18.61
C GLY B 44 -0.57 -4.87 -18.16
N GLY B 45 -0.80 -3.55 -18.06
CA GLY B 45 0.22 -2.66 -17.50
C GLY B 45 0.34 -2.83 -16.00
N VAL B 46 1.40 -2.27 -15.44
CA VAL B 46 1.55 -2.27 -14.01
C VAL B 46 1.37 -0.86 -13.44
N GLY B 47 1.22 0.13 -14.31
CA GLY B 47 0.86 1.45 -13.88
C GLY B 47 0.25 2.26 -15.01
N LEU B 48 -0.29 3.41 -14.67
CA LEU B 48 -0.90 4.27 -15.69
C LEU B 48 -1.04 5.67 -15.16
N ALA B 49 -0.78 6.64 -16.01
CA ALA B 49 -0.84 8.03 -15.60
C ALA B 49 -1.99 8.70 -16.39
N ALA B 50 -2.63 9.67 -15.76
CA ALA B 50 -3.86 10.27 -16.33
C ALA B 50 -3.57 10.88 -17.69
N PRO B 51 -2.43 11.61 -17.82
CA PRO B 51 -2.16 12.13 -19.14
C PRO B 51 -2.06 11.04 -20.22
N GLN B 52 -1.82 9.77 -19.91
CA GLN B 52 -1.70 8.82 -20.98
C GLN B 52 -3.07 8.50 -21.60
N ILE B 53 -4.12 8.91 -20.91
CA ILE B 53 -5.47 8.80 -21.51
C ILE B 53 -6.05 10.13 -21.83
N GLY B 54 -5.24 11.17 -21.87
CA GLY B 54 -5.71 12.42 -22.35
C GLY B 54 -6.24 13.29 -21.25
N VAL B 55 -6.00 12.92 -19.99
CA VAL B 55 -6.54 13.70 -18.89
C VAL B 55 -5.40 14.36 -18.19
N ASP B 56 -5.40 15.68 -18.27
CA ASP B 56 -4.30 16.50 -17.82
C ASP B 56 -4.27 16.75 -16.27
N LEU B 57 -4.11 15.68 -15.49
CA LEU B 57 -4.13 15.70 -14.02
C LEU B 57 -2.96 14.92 -13.41
N GLN B 58 -2.44 15.41 -12.27
CA GLN B 58 -1.38 14.73 -11.55
C GLN B 58 -1.99 13.57 -10.77
N LEU B 59 -2.21 12.48 -11.50
CA LEU B 59 -2.92 11.36 -10.96
C LEU B 59 -2.35 10.09 -11.63
N VAL B 60 -1.83 9.16 -10.80
CA VAL B 60 -1.29 7.89 -11.28
C VAL B 60 -1.84 6.72 -10.49
N ILE B 61 -1.89 5.56 -11.12
CA ILE B 61 -2.20 4.35 -10.43
C ILE B 61 -1.10 3.34 -10.69
N PHE B 62 -0.93 2.39 -9.80
CA PHE B 62 0.05 1.32 -10.02
C PHE B 62 -0.23 0.22 -9.06
N GLY B 63 0.33 -0.95 -9.31
CA GLY B 63 -0.02 -2.15 -8.56
C GLY B 63 0.36 -3.39 -9.32
N PHE B 64 1.01 -4.34 -8.62
CA PHE B 64 1.51 -5.59 -9.20
C PHE B 64 1.46 -6.77 -8.23
N GLU B 65 0.82 -7.84 -8.68
CA GLU B 65 0.64 -9.05 -7.89
C GLU B 65 1.56 -10.14 -8.48
N PRO B 74 8.34 -9.07 -7.60
CA PRO B 74 8.33 -8.19 -6.41
C PRO B 74 7.00 -7.51 -6.37
N ALA B 75 6.27 -7.66 -5.27
CA ALA B 75 4.87 -7.27 -5.24
C ALA B 75 4.80 -5.76 -5.03
N VAL B 76 3.84 -5.08 -5.63
CA VAL B 76 3.67 -3.67 -5.41
C VAL B 76 2.24 -3.43 -5.11
N PRO B 77 1.96 -2.77 -3.95
CA PRO B 77 0.55 -2.54 -3.60
C PRO B 77 -0.26 -1.71 -4.61
N PRO B 78 -1.53 -2.11 -4.85
CA PRO B 78 -2.34 -1.25 -5.72
C PRO B 78 -2.52 0.12 -5.09
N THR B 79 -2.27 1.17 -5.87
CA THR B 79 -2.17 2.48 -5.24
C THR B 79 -2.67 3.47 -6.24
N ILE B 80 -3.31 4.49 -5.72
CA ILE B 80 -3.77 5.64 -6.45
C ILE B 80 -3.12 6.79 -5.79
N LEU B 81 -2.34 7.57 -6.55
CA LEU B 81 -1.53 8.64 -5.97
C LEU B 81 -1.83 9.92 -6.67
N LEU B 82 -2.29 10.92 -5.93
CA LEU B 82 -2.52 12.24 -6.51
C LEU B 82 -1.49 13.25 -6.05
N ASN B 83 -1.19 14.21 -6.94
CA ASN B 83 -0.25 15.30 -6.67
C ASN B 83 1.06 14.78 -6.05
N PRO B 84 1.80 13.93 -6.77
CA PRO B 84 2.87 13.27 -6.06
C PRO B 84 4.12 14.06 -5.92
N ARG B 85 4.95 13.64 -4.98
CA ARG B 85 6.23 14.27 -4.81
C ARG B 85 7.26 13.21 -4.44
N ILE B 86 8.37 13.16 -5.14
CA ILE B 86 9.38 12.13 -4.92
C ILE B 86 10.62 12.80 -4.41
N THR B 87 11.30 12.18 -3.45
CA THR B 87 12.56 12.64 -2.92
C THR B 87 13.53 11.46 -2.94
N PRO B 88 14.63 11.53 -3.69
CA PRO B 88 15.59 10.42 -3.59
C PRO B 88 16.26 10.33 -2.22
N LEU B 89 16.49 9.12 -1.73
CA LEU B 89 17.00 8.96 -0.38
C LEU B 89 18.50 8.80 -0.31
N ASP B 90 19.18 8.75 -1.45
CA ASP B 90 20.63 8.77 -1.54
C ASP B 90 20.98 8.85 -3.04
N ASP B 91 22.27 8.74 -3.36
CA ASP B 91 22.79 9.02 -4.69
C ASP B 91 22.89 7.76 -5.54
N GLU B 92 22.58 6.61 -4.97
CA GLU B 92 22.76 5.37 -5.68
C GLU B 92 21.69 5.21 -6.79
N MET B 93 22.15 4.78 -7.96
CA MET B 93 21.38 4.52 -9.12
C MET B 93 21.35 3.05 -9.44
N GLU B 94 20.33 2.61 -10.12
CA GLU B 94 20.27 1.24 -10.57
C GLU B 94 19.63 1.20 -11.93
N GLU B 95 20.14 0.27 -12.74
CA GLU B 95 19.69 0.08 -14.12
C GLU B 95 18.63 -1.00 -14.20
N GLY B 96 17.62 -0.83 -15.04
CA GLY B 96 16.63 -1.88 -15.24
C GLY B 96 15.78 -1.61 -16.47
N TRP B 97 15.18 -2.68 -16.95
CA TRP B 97 14.36 -2.70 -18.11
C TRP B 97 13.02 -2.07 -17.85
N GLU B 98 12.56 -1.29 -18.82
CA GLU B 98 11.29 -0.59 -18.76
C GLU B 98 10.63 -0.65 -20.14
N GLY B 99 9.33 -0.58 -20.10
CA GLY B 99 8.50 -0.53 -21.27
C GLY B 99 7.33 0.36 -20.86
N CYS B 100 6.45 0.66 -21.79
CA CYS B 100 5.43 1.66 -21.56
C CYS B 100 4.35 1.50 -22.61
N LEU B 101 3.12 1.67 -22.19
CA LEU B 101 1.95 1.47 -23.06
C LEU B 101 1.87 2.48 -24.14
N SER B 102 2.30 3.70 -23.86
CA SER B 102 2.47 4.69 -24.89
C SER B 102 3.63 4.43 -25.83
N VAL B 103 4.46 3.42 -25.56
CA VAL B 103 5.59 3.14 -26.43
C VAL B 103 5.54 1.72 -26.89
N PRO B 104 4.48 1.34 -27.63
CA PRO B 104 4.33 -0.12 -27.75
C PRO B 104 5.41 -0.76 -28.63
N GLY B 105 5.79 -2.00 -28.29
CA GLY B 105 6.70 -2.80 -29.09
C GLY B 105 8.16 -2.66 -28.60
N LEU B 106 8.45 -1.69 -27.72
CA LEU B 106 9.87 -1.40 -27.34
C LEU B 106 10.17 -1.63 -25.86
N ARG B 107 11.46 -1.86 -25.54
CA ARG B 107 12.02 -1.79 -24.22
C ARG B 107 13.33 -1.02 -24.17
N GLY B 108 13.65 -0.48 -23.02
CA GLY B 108 14.93 0.16 -22.81
C GLY B 108 15.34 0.03 -21.38
N ALA B 109 16.66 -0.02 -21.18
CA ALA B 109 17.25 0.08 -19.85
C ALA B 109 17.44 1.53 -19.41
N VAL B 110 17.03 1.80 -18.18
CA VAL B 110 16.97 3.14 -17.65
C VAL B 110 17.57 3.07 -16.29
N SER B 111 18.43 4.02 -16.00
CA SER B 111 19.02 4.11 -14.67
C SER B 111 18.12 5.08 -13.84
N ARG B 112 17.61 4.63 -12.69
CA ARG B 112 16.82 5.43 -11.81
C ARG B 112 17.36 5.31 -10.39
N HIS B 113 16.86 6.18 -9.51
CA HIS B 113 17.18 6.11 -8.09
C HIS B 113 16.67 4.84 -7.48
N ARG B 114 17.57 4.21 -6.73
CA ARG B 114 17.29 2.96 -6.12
C ARG B 114 16.35 3.05 -4.96
N ARG B 115 16.44 4.12 -4.21
CA ARG B 115 15.62 4.33 -3.01
C ARG B 115 15.01 5.68 -3.10
N ILE B 116 13.70 5.75 -2.85
CA ILE B 116 12.99 7.03 -2.81
C ILE B 116 11.98 7.14 -1.70
N ARG B 117 11.66 8.35 -1.31
CA ARG B 117 10.45 8.63 -0.60
C ARG B 117 9.42 9.19 -1.56
N TYR B 118 8.18 8.78 -1.38
CA TYR B 118 7.08 9.38 -2.16
C TYR B 118 5.95 9.76 -1.34
N GLN B 119 5.39 10.91 -1.69
CA GLN B 119 4.29 11.49 -0.95
C GLN B 119 3.22 11.87 -1.94
N GLY B 120 1.98 11.95 -1.49
CA GLY B 120 0.91 12.46 -2.38
C GLY B 120 -0.35 12.28 -1.58
N LEU B 121 -1.47 12.24 -2.26
CA LEU B 121 -2.73 12.04 -1.59
C LEU B 121 -3.41 10.87 -2.19
N ASP B 122 -4.19 10.15 -1.40
CA ASP B 122 -5.10 9.14 -1.95
C ASP B 122 -6.39 9.85 -2.45
N PRO B 123 -7.30 9.11 -3.05
CA PRO B 123 -8.40 9.84 -3.66
C PRO B 123 -9.40 10.52 -2.71
N GLN B 124 -9.37 10.22 -1.41
CA GLN B 124 -10.14 10.94 -0.39
C GLN B 124 -9.36 12.08 0.29
N GLY B 125 -8.14 12.32 -0.11
CA GLY B 125 -7.34 13.40 0.46
C GLY B 125 -6.49 13.00 1.64
N GLN B 126 -6.41 11.71 1.91
CA GLN B 126 -5.54 11.21 2.99
C GLN B 126 -4.09 11.24 2.50
N PRO B 127 -3.18 11.72 3.29
CA PRO B 127 -1.80 11.71 2.82
C PRO B 127 -1.24 10.30 2.66
N ILE B 128 -0.37 10.14 1.69
CA ILE B 128 0.47 8.95 1.49
C ILE B 128 1.91 9.40 1.73
N ASP B 129 2.71 8.58 2.40
CA ASP B 129 4.12 8.86 2.58
C ASP B 129 4.84 7.54 2.84
N ARG B 130 5.56 7.05 1.82
CA ARG B 130 6.22 5.72 1.84
C ARG B 130 7.66 5.83 1.43
N SER B 131 8.52 5.04 2.06
CA SER B 131 9.93 4.94 1.59
C SER B 131 10.14 3.58 0.98
N VAL B 132 10.66 3.51 -0.25
CA VAL B 132 10.64 2.34 -1.03
C VAL B 132 11.91 2.18 -1.82
N GLU B 133 12.11 0.95 -2.31
CA GLU B 133 13.38 0.57 -2.98
C GLU B 133 13.14 -0.36 -4.15
N GLY B 134 14.06 -0.33 -5.13
CA GLY B 134 14.10 -1.30 -6.23
C GLY B 134 12.90 -1.12 -7.15
N PHE B 135 12.14 -2.17 -7.39
CA PHE B 135 11.16 -2.13 -8.48
C PHE B 135 10.02 -1.14 -8.16
N HIS B 136 9.57 -1.19 -6.92
CA HIS B 136 8.51 -0.30 -6.44
C HIS B 136 8.91 1.18 -6.70
N ALA B 137 10.15 1.48 -6.37
CA ALA B 137 10.76 2.75 -6.59
C ALA B 137 10.81 3.11 -8.06
N ARG B 138 11.18 2.16 -8.95
CA ARG B 138 11.27 2.36 -10.36
C ARG B 138 9.87 2.67 -10.93
N VAL B 139 8.87 1.92 -10.49
CA VAL B 139 7.45 2.14 -10.98
C VAL B 139 6.95 3.56 -10.68
N VAL B 140 7.18 4.00 -9.46
CA VAL B 140 6.71 5.31 -9.05
C VAL B 140 7.44 6.38 -9.83
N GLN B 141 8.76 6.24 -10.00
CA GLN B 141 9.53 7.20 -10.86
C GLN B 141 9.07 7.24 -12.32
N HIS B 142 8.81 6.07 -12.92
CA HIS B 142 8.34 6.00 -14.28
C HIS B 142 6.98 6.74 -14.47
N GLU B 143 6.00 6.47 -13.62
CA GLU B 143 4.67 7.13 -13.64
C GLU B 143 4.70 8.63 -13.36
N CYS B 144 5.49 9.06 -12.37
CA CYS B 144 5.62 10.47 -12.10
C CYS B 144 6.27 11.29 -13.22
N ASP B 145 7.23 10.70 -13.93
CA ASP B 145 7.78 11.27 -15.19
C ASP B 145 6.64 11.60 -16.20
N HIS B 146 5.62 10.76 -16.32
CA HIS B 146 4.47 11.07 -17.27
C HIS B 146 3.80 12.37 -16.88
N LEU B 147 3.91 12.72 -15.60
CA LEU B 147 3.33 13.96 -15.13
C LEU B 147 4.12 15.23 -15.41
N ILE B 148 5.37 15.09 -15.84
CA ILE B 148 6.20 16.22 -16.22
C ILE B 148 6.59 16.11 -17.66
N GLY B 149 5.84 15.29 -18.39
CA GLY B 149 6.00 15.15 -19.81
C GLY B 149 7.17 14.37 -20.30
N ARG B 150 7.75 13.48 -19.49
CA ARG B 150 8.92 12.70 -19.87
C ARG B 150 8.50 11.30 -20.12
N LEU B 151 8.85 10.75 -21.27
CA LEU B 151 8.70 9.29 -21.48
C LEU B 151 10.08 8.65 -21.33
N TYR B 152 10.17 7.35 -21.15
CA TYR B 152 11.42 6.73 -20.78
C TYR B 152 12.57 6.86 -21.77
N PRO B 153 12.28 6.93 -23.10
CA PRO B 153 13.39 7.16 -24.04
C PRO B 153 14.23 8.39 -23.76
N SER B 154 13.57 9.45 -23.29
CA SER B 154 14.27 10.68 -22.85
C SER B 154 15.13 10.50 -21.56
N ARG B 155 15.07 9.36 -20.85
CA ARG B 155 15.93 9.05 -19.70
C ARG B 155 17.02 8.05 -20.01
N ILE B 156 17.03 7.47 -21.21
CA ILE B 156 17.95 6.41 -21.55
C ILE B 156 19.34 7.06 -21.64
N THR B 157 20.32 6.40 -21.04
CA THR B 157 21.71 6.81 -21.18
C THR B 157 22.54 5.84 -22.03
N ASP B 158 22.19 4.57 -22.08
CA ASP B 158 22.89 3.54 -22.89
C ASP B 158 21.91 3.01 -23.97
N PHE B 159 22.04 3.56 -25.16
CA PHE B 159 21.17 3.22 -26.27
C PHE B 159 21.53 1.87 -26.91
N SER B 160 22.59 1.19 -26.47
CA SER B 160 22.71 -0.23 -26.79
C SER B 160 21.65 -1.10 -26.18
N LYS B 161 20.92 -0.60 -25.16
CA LYS B 161 19.81 -1.35 -24.59
C LYS B 161 18.40 -0.80 -24.89
N PHE B 162 18.22 -0.16 -26.03
CA PHE B 162 16.94 0.31 -26.43
C PHE B 162 16.62 -0.46 -27.69
N GLY B 163 15.50 -1.19 -27.75
CA GLY B 163 15.15 -1.88 -28.98
C GLY B 163 13.76 -2.45 -28.94
N PHE B 164 13.45 -3.20 -29.98
CA PHE B 164 12.22 -3.95 -30.12
C PHE B 164 12.22 -5.17 -29.20
N THR B 165 11.09 -5.37 -28.53
CA THR B 165 11.02 -6.37 -27.46
C THR B 165 11.42 -7.80 -27.96
N GLU B 166 10.85 -8.14 -29.09
CA GLU B 166 11.05 -9.45 -29.69
C GLU B 166 12.45 -9.60 -30.30
N VAL B 167 13.12 -8.48 -30.57
CA VAL B 167 14.53 -8.51 -30.97
C VAL B 167 15.34 -8.69 -29.74
N LEU B 168 15.07 -7.91 -28.68
CA LEU B 168 15.89 -7.97 -27.47
C LEU B 168 15.77 -9.25 -26.71
N PHE B 169 14.58 -9.83 -26.69
CA PHE B 169 14.18 -10.96 -25.82
C PHE B 169 13.43 -11.99 -26.67
#